data_5ZV6
#
_entry.id   5ZV6
#
_entity_poly.entity_id   1
_entity_poly.type   'polypeptide(L)'
_entity_poly.pdbx_seq_one_letter_code
;AGECVRGRCPGGLCCSKFGFCGSGPAYCGG
;
_entity_poly.pdbx_strand_id   A
#
# COMPACT_ATOMS: atom_id res chain seq x y z
N ALA A 1 6.34 -6.46 6.41
CA ALA A 1 6.37 -6.90 4.99
C ALA A 1 5.37 -6.11 4.15
N GLY A 2 5.74 -5.84 2.90
CA GLY A 2 4.87 -5.10 1.99
C GLY A 2 5.28 -3.65 1.86
N GLU A 3 6.10 -3.36 0.83
CA GLU A 3 6.58 -2.00 0.58
C GLU A 3 6.34 -1.61 -0.87
N CYS A 4 6.09 -0.31 -1.10
CA CYS A 4 5.85 0.23 -2.43
C CYS A 4 7.13 0.71 -3.08
N VAL A 5 7.22 0.55 -4.41
CA VAL A 5 8.39 0.97 -5.17
C VAL A 5 8.02 2.13 -6.12
N ARG A 6 8.55 3.33 -5.81
CA ARG A 6 8.31 4.57 -6.59
C ARG A 6 6.80 4.89 -6.74
N GLY A 7 6.01 4.44 -5.76
CA GLY A 7 4.57 4.67 -5.77
C GLY A 7 3.78 3.57 -6.48
N ARG A 8 4.39 2.37 -6.59
CA ARG A 8 3.74 1.23 -7.24
C ARG A 8 3.91 -0.04 -6.41
N CYS A 9 2.79 -0.66 -6.06
CA CYS A 9 2.79 -1.89 -5.25
C CYS A 9 1.77 -2.90 -5.81
N PRO A 10 2.24 -4.09 -6.30
CA PRO A 10 1.34 -5.13 -6.85
C PRO A 10 0.68 -5.99 -5.76
N GLY A 11 0.17 -7.16 -6.16
CA GLY A 11 -0.48 -8.07 -5.22
C GLY A 11 -1.99 -7.88 -5.16
N GLY A 12 -2.44 -6.64 -5.40
CA GLY A 12 -3.86 -6.32 -5.36
C GLY A 12 -4.31 -5.78 -4.02
N LEU A 13 -3.51 -4.86 -3.45
CA LEU A 13 -3.80 -4.25 -2.16
C LEU A 13 -3.61 -2.72 -2.23
N CYS A 14 -3.65 -2.05 -1.07
CA CYS A 14 -3.52 -0.59 -1.01
C CYS A 14 -2.07 -0.16 -0.73
N CYS A 15 -1.74 1.06 -1.16
CA CYS A 15 -0.40 1.62 -0.98
C CYS A 15 -0.47 3.02 -0.37
N SER A 16 0.26 3.21 0.74
CA SER A 16 0.30 4.49 1.44
C SER A 16 1.46 5.34 0.93
N LYS A 17 1.23 6.66 0.88
CA LYS A 17 2.22 7.65 0.39
C LYS A 17 3.58 7.57 1.10
N PHE A 18 3.62 6.97 2.30
CA PHE A 18 4.85 6.81 3.08
C PHE A 18 5.72 5.68 2.50
N GLY A 19 5.18 4.95 1.52
CA GLY A 19 5.88 3.86 0.88
C GLY A 19 5.58 2.51 1.51
N PHE A 20 4.28 2.23 1.72
CA PHE A 20 3.86 0.97 2.34
C PHE A 20 2.64 0.37 1.63
N CYS A 21 2.44 -0.94 1.84
CA CYS A 21 1.31 -1.67 1.25
C CYS A 21 0.47 -2.34 2.34
N GLY A 22 -0.82 -2.54 2.05
CA GLY A 22 -1.70 -3.17 3.02
C GLY A 22 -3.15 -3.24 2.55
N SER A 23 -3.91 -4.15 3.14
CA SER A 23 -5.32 -4.34 2.80
C SER A 23 -6.22 -4.01 3.98
N GLY A 24 -7.39 -3.42 3.68
CA GLY A 24 -8.34 -3.05 4.72
C GLY A 24 -8.25 -1.59 5.12
N PRO A 25 -9.03 -1.12 6.14
CA PRO A 25 -9.01 0.28 6.60
C PRO A 25 -7.78 0.60 7.47
N ALA A 26 -6.60 0.49 6.84
CA ALA A 26 -5.32 0.77 7.51
C ALA A 26 -4.38 1.49 6.56
N TYR A 27 -4.31 0.99 5.33
CA TYR A 27 -3.48 1.57 4.28
C TYR A 27 -4.35 2.02 3.11
N CYS A 28 -5.66 1.77 3.22
CA CYS A 28 -6.63 2.13 2.19
C CYS A 28 -7.31 3.46 2.50
N GLY A 29 -7.69 3.65 3.77
CA GLY A 29 -8.35 4.88 4.20
C GLY A 29 -9.76 4.64 4.71
N GLY A 30 -10.69 4.43 3.79
CA GLY A 30 -12.07 4.18 4.15
C GLY A 30 -12.84 3.46 3.06
N ALA A 1 6.60 -7.51 5.55
CA ALA A 1 6.61 -7.53 4.06
C ALA A 1 5.38 -6.83 3.51
N GLY A 2 5.58 -6.02 2.46
CA GLY A 2 4.50 -5.28 1.82
C GLY A 2 4.81 -3.81 1.67
N GLU A 3 5.94 -3.51 1.03
CA GLU A 3 6.37 -2.12 0.80
C GLU A 3 6.23 -1.74 -0.67
N CYS A 4 6.01 -0.44 -0.92
CA CYS A 4 5.86 0.08 -2.27
C CYS A 4 7.19 0.59 -2.82
N VAL A 5 7.33 0.54 -4.16
CA VAL A 5 8.55 1.00 -4.84
C VAL A 5 8.19 2.04 -5.91
N ARG A 6 8.64 3.28 -5.68
CA ARG A 6 8.40 4.43 -6.60
C ARG A 6 6.91 4.67 -6.89
N GLY A 7 6.05 4.24 -5.96
CA GLY A 7 4.61 4.40 -6.10
C GLY A 7 3.95 3.28 -6.89
N ARG A 8 4.57 2.09 -6.89
CA ARG A 8 4.05 0.93 -7.60
C ARG A 8 4.05 -0.31 -6.70
N CYS A 9 2.83 -0.82 -6.43
CA CYS A 9 2.66 -2.00 -5.58
C CYS A 9 1.53 -2.90 -6.10
N PRO A 10 1.84 -4.09 -6.69
CA PRO A 10 0.82 -5.02 -7.22
C PRO A 10 0.23 -5.93 -6.13
N GLY A 11 -0.38 -7.04 -6.55
CA GLY A 11 -0.99 -7.99 -5.61
C GLY A 11 -2.48 -7.80 -5.45
N GLY A 12 -2.94 -6.55 -5.58
CA GLY A 12 -4.36 -6.24 -5.44
C GLY A 12 -4.70 -5.65 -4.09
N LEU A 13 -3.84 -4.75 -3.60
CA LEU A 13 -4.03 -4.09 -2.31
C LEU A 13 -3.86 -2.57 -2.43
N CYS A 14 -3.79 -1.85 -1.29
CA CYS A 14 -3.64 -0.39 -1.31
C CYS A 14 -2.24 0.02 -0.86
N CYS A 15 -1.83 1.22 -1.29
CA CYS A 15 -0.51 1.76 -0.94
C CYS A 15 -0.61 3.14 -0.32
N SER A 16 0.09 3.32 0.82
CA SER A 16 0.12 4.60 1.53
C SER A 16 1.26 5.47 1.01
N LYS A 17 1.01 6.79 0.97
CA LYS A 17 1.98 7.79 0.48
C LYS A 17 3.34 7.75 1.20
N PHE A 18 3.38 7.14 2.38
CA PHE A 18 4.62 7.02 3.17
C PHE A 18 5.52 5.90 2.63
N GLY A 19 5.00 5.16 1.63
CA GLY A 19 5.75 4.07 1.02
C GLY A 19 5.41 2.72 1.64
N PHE A 20 4.12 2.43 1.78
CA PHE A 20 3.67 1.16 2.37
C PHE A 20 2.52 0.55 1.58
N CYS A 21 2.29 -0.76 1.79
CA CYS A 21 1.23 -1.50 1.11
C CYS A 21 0.47 -2.37 2.10
N GLY A 22 -0.84 -2.53 1.88
CA GLY A 22 -1.67 -3.34 2.77
C GLY A 22 -3.10 -3.48 2.29
N SER A 23 -3.90 -4.20 3.07
CA SER A 23 -5.31 -4.43 2.75
C SER A 23 -6.21 -4.11 3.94
N GLY A 24 -7.31 -3.43 3.67
CA GLY A 24 -8.26 -3.05 4.72
C GLY A 24 -8.09 -1.60 5.16
N PRO A 25 -8.86 -1.12 6.19
CA PRO A 25 -8.78 0.26 6.68
C PRO A 25 -7.55 0.48 7.58
N ALA A 26 -6.37 0.35 6.97
CA ALA A 26 -5.10 0.52 7.68
C ALA A 26 -4.12 1.32 6.80
N TYR A 27 -4.04 0.92 5.53
CA TYR A 27 -3.18 1.58 4.55
C TYR A 27 -4.03 2.11 3.39
N CYS A 28 -5.33 1.76 3.41
CA CYS A 28 -6.26 2.18 2.36
C CYS A 28 -6.96 3.49 2.72
N GLY A 29 -7.41 3.61 3.97
CA GLY A 29 -8.09 4.81 4.43
C GLY A 29 -7.75 5.16 5.87
N GLY A 30 -8.71 4.95 6.77
CA GLY A 30 -8.52 5.23 8.18
C GLY A 30 -9.82 5.49 8.92
N ALA A 1 5.79 -7.68 -2.09
CA ALA A 1 4.60 -7.29 -1.29
C ALA A 1 5.02 -6.72 0.06
N GLY A 2 4.24 -5.74 0.55
CA GLY A 2 4.53 -5.12 1.83
C GLY A 2 4.89 -3.65 1.70
N GLU A 3 5.89 -3.37 0.87
CA GLU A 3 6.36 -2.00 0.63
C GLU A 3 6.17 -1.60 -0.83
N CYS A 4 5.95 -0.31 -1.06
CA CYS A 4 5.75 0.24 -2.40
C CYS A 4 7.06 0.76 -3.00
N VAL A 5 7.29 0.46 -4.27
CA VAL A 5 8.50 0.89 -4.98
C VAL A 5 8.18 2.05 -5.95
N ARG A 6 8.67 3.26 -5.59
CA ARG A 6 8.47 4.50 -6.40
C ARG A 6 6.98 4.80 -6.68
N GLY A 7 6.10 4.31 -5.79
CA GLY A 7 4.67 4.51 -5.92
C GLY A 7 3.98 3.42 -6.73
N ARG A 8 4.56 2.22 -6.74
CA ARG A 8 4.00 1.08 -7.47
C ARG A 8 4.03 -0.18 -6.61
N CYS A 9 2.83 -0.72 -6.33
CA CYS A 9 2.69 -1.93 -5.52
C CYS A 9 1.57 -2.84 -6.07
N PRO A 10 1.94 -4.03 -6.65
CA PRO A 10 0.95 -4.97 -7.20
C PRO A 10 0.32 -5.89 -6.12
N GLY A 11 -0.28 -7.00 -6.55
CA GLY A 11 -0.90 -7.94 -5.63
C GLY A 11 -2.40 -7.71 -5.47
N GLY A 12 -2.82 -6.45 -5.59
CA GLY A 12 -4.23 -6.10 -5.45
C GLY A 12 -4.58 -5.60 -4.07
N LEU A 13 -3.74 -4.71 -3.52
CA LEU A 13 -3.94 -4.15 -2.19
C LEU A 13 -3.76 -2.62 -2.22
N CYS A 14 -3.75 -1.97 -1.04
CA CYS A 14 -3.63 -0.51 -0.94
C CYS A 14 -2.18 -0.10 -0.68
N CYS A 15 -1.86 1.14 -1.10
CA CYS A 15 -0.52 1.70 -0.93
C CYS A 15 -0.58 3.09 -0.30
N SER A 16 0.16 3.26 0.80
CA SER A 16 0.23 4.54 1.51
C SER A 16 1.36 5.40 0.97
N LYS A 17 1.12 6.72 0.92
CA LYS A 17 2.10 7.71 0.40
C LYS A 17 3.46 7.66 1.10
N PHE A 18 3.50 7.07 2.30
CA PHE A 18 4.75 6.94 3.07
C PHE A 18 5.64 5.81 2.52
N GLY A 19 5.10 5.06 1.55
CA GLY A 19 5.81 3.96 0.92
C GLY A 19 5.50 2.62 1.56
N PHE A 20 4.20 2.34 1.74
CA PHE A 20 3.76 1.09 2.34
C PHE A 20 2.58 0.47 1.58
N CYS A 21 2.36 -0.84 1.79
CA CYS A 21 1.28 -1.58 1.14
C CYS A 21 0.51 -2.42 2.16
N GLY A 22 -0.79 -2.60 1.92
CA GLY A 22 -1.63 -3.37 2.82
C GLY A 22 -3.09 -3.34 2.44
N SER A 23 -3.86 -4.27 3.00
CA SER A 23 -5.29 -4.37 2.73
C SER A 23 -6.12 -4.05 3.97
N GLY A 24 -7.32 -3.49 3.76
CA GLY A 24 -8.21 -3.14 4.85
C GLY A 24 -8.12 -1.66 5.22
N PRO A 25 -8.90 -1.18 6.25
CA PRO A 25 -8.89 0.23 6.66
C PRO A 25 -7.66 0.58 7.52
N ALA A 26 -6.48 0.46 6.88
CA ALA A 26 -5.20 0.76 7.53
C ALA A 26 -4.26 1.48 6.57
N TYR A 27 -4.19 0.95 5.34
CA TYR A 27 -3.37 1.54 4.28
C TYR A 27 -4.26 2.04 3.14
N CYS A 28 -5.57 1.81 3.28
CA CYS A 28 -6.57 2.22 2.28
C CYS A 28 -7.15 3.60 2.61
N GLY A 29 -7.46 3.83 3.90
CA GLY A 29 -8.02 5.09 4.33
C GLY A 29 -7.34 5.64 5.56
N GLY A 30 -8.13 6.22 6.47
CA GLY A 30 -7.59 6.79 7.70
C GLY A 30 -8.58 6.70 8.85
N ALA A 1 5.26 -8.27 -2.17
CA ALA A 1 4.17 -7.58 -1.43
C ALA A 1 4.65 -7.12 -0.05
N GLY A 2 4.29 -5.88 0.31
CA GLY A 2 4.68 -5.33 1.59
C GLY A 2 5.10 -3.87 1.48
N GLU A 3 6.13 -3.61 0.67
CA GLU A 3 6.64 -2.25 0.46
C GLU A 3 6.39 -1.78 -0.96
N CYS A 4 6.18 -0.46 -1.12
CA CYS A 4 5.92 0.14 -2.43
C CYS A 4 7.22 0.67 -3.05
N VAL A 5 7.25 0.69 -4.39
CA VAL A 5 8.41 1.16 -5.15
C VAL A 5 7.98 2.27 -6.12
N ARG A 6 8.43 3.51 -5.84
CA ARG A 6 8.13 4.71 -6.67
C ARG A 6 6.61 4.95 -6.84
N GLY A 7 5.83 4.46 -5.87
CA GLY A 7 4.37 4.62 -5.90
C GLY A 7 3.66 3.50 -6.64
N ARG A 8 4.31 2.34 -6.74
CA ARG A 8 3.74 1.18 -7.43
C ARG A 8 3.91 -0.09 -6.59
N CYS A 9 2.78 -0.72 -6.25
CA CYS A 9 2.77 -1.94 -5.44
C CYS A 9 1.75 -2.96 -5.98
N PRO A 10 2.21 -4.14 -6.51
CA PRO A 10 1.29 -5.17 -7.05
C PRO A 10 0.70 -6.06 -5.95
N GLY A 11 0.18 -7.23 -6.34
CA GLY A 11 -0.41 -8.17 -5.40
C GLY A 11 -1.92 -8.00 -5.27
N GLY A 12 -2.40 -6.77 -5.46
CA GLY A 12 -3.83 -6.47 -5.36
C GLY A 12 -4.22 -5.93 -3.99
N LEU A 13 -3.40 -5.01 -3.47
CA LEU A 13 -3.65 -4.39 -2.17
C LEU A 13 -3.48 -2.87 -2.24
N CYS A 14 -3.52 -2.19 -1.08
CA CYS A 14 -3.39 -0.73 -1.03
C CYS A 14 -1.96 -0.29 -0.74
N CYS A 15 -1.66 0.96 -1.10
CA CYS A 15 -0.33 1.54 -0.88
C CYS A 15 -0.42 2.90 -0.20
N SER A 16 0.30 3.03 0.92
CA SER A 16 0.32 4.28 1.69
C SER A 16 1.44 5.20 1.17
N LYS A 17 1.17 6.52 1.20
CA LYS A 17 2.09 7.57 0.72
C LYS A 17 3.47 7.51 1.38
N PHE A 18 3.56 6.88 2.56
CA PHE A 18 4.82 6.74 3.29
C PHE A 18 5.72 5.66 2.66
N GLY A 19 5.17 4.95 1.67
CA GLY A 19 5.90 3.90 0.98
C GLY A 19 5.63 2.52 1.57
N PHE A 20 4.35 2.19 1.78
CA PHE A 20 3.97 0.90 2.35
C PHE A 20 2.78 0.29 1.61
N CYS A 21 2.57 -1.02 1.83
CA CYS A 21 1.47 -1.75 1.19
C CYS A 21 0.67 -2.54 2.23
N GLY A 22 -0.64 -2.70 1.97
CA GLY A 22 -1.49 -3.44 2.89
C GLY A 22 -2.95 -3.38 2.49
N SER A 23 -3.77 -4.24 3.12
CA SER A 23 -5.20 -4.30 2.83
C SER A 23 -6.03 -4.00 4.07
N GLY A 24 -7.20 -3.39 3.86
CA GLY A 24 -8.10 -3.06 4.96
C GLY A 24 -8.18 -1.54 5.21
N PRO A 25 -9.02 -1.08 6.19
CA PRO A 25 -9.17 0.35 6.51
C PRO A 25 -8.00 0.91 7.34
N ALA A 26 -6.80 0.88 6.74
CA ALA A 26 -5.57 1.35 7.37
C ALA A 26 -4.64 1.94 6.31
N TYR A 27 -4.52 1.21 5.21
CA TYR A 27 -3.69 1.63 4.07
C TYR A 27 -4.56 2.25 2.98
N CYS A 28 -5.89 2.09 3.15
CA CYS A 28 -6.86 2.63 2.20
C CYS A 28 -7.90 3.50 2.91
N GLY A 29 -8.37 3.05 4.09
CA GLY A 29 -9.36 3.80 4.85
C GLY A 29 -8.73 4.62 5.96
N GLY A 30 -8.44 5.89 5.65
CA GLY A 30 -7.83 6.79 6.63
C GLY A 30 -8.52 8.14 6.68
N ALA A 1 7.71 -8.92 -1.47
CA ALA A 1 6.46 -8.20 -1.10
C ALA A 1 6.56 -7.63 0.31
N GLY A 2 6.01 -6.43 0.50
CA GLY A 2 6.03 -5.77 1.79
C GLY A 2 6.10 -4.26 1.67
N GLU A 3 7.10 -3.76 0.96
CA GLU A 3 7.30 -2.32 0.76
C GLU A 3 6.79 -1.89 -0.62
N CYS A 4 6.35 -0.63 -0.70
CA CYS A 4 5.83 -0.07 -1.95
C CYS A 4 6.91 0.73 -2.68
N VAL A 5 6.79 0.79 -4.01
CA VAL A 5 7.76 1.51 -4.85
C VAL A 5 7.07 2.65 -5.59
N ARG A 6 7.38 3.90 -5.18
CA ARG A 6 6.82 5.14 -5.78
C ARG A 6 5.28 5.16 -5.81
N GLY A 7 4.67 4.43 -4.88
CA GLY A 7 3.22 4.36 -4.79
C GLY A 7 2.61 3.27 -5.66
N ARG A 8 3.38 2.19 -5.88
CA ARG A 8 2.94 1.05 -6.69
C ARG A 8 3.34 -0.26 -6.03
N CYS A 9 2.33 -1.06 -5.65
CA CYS A 9 2.55 -2.34 -5.00
C CYS A 9 1.58 -3.41 -5.54
N PRO A 10 2.10 -4.53 -6.15
CA PRO A 10 1.24 -5.60 -6.69
C PRO A 10 0.74 -6.57 -5.60
N GLY A 11 0.29 -7.76 -6.01
CA GLY A 11 -0.23 -8.76 -5.09
C GLY A 11 -1.73 -8.72 -4.94
N GLY A 12 -2.32 -7.53 -5.10
CA GLY A 12 -3.76 -7.35 -4.97
C GLY A 12 -4.16 -6.62 -3.70
N LEU A 13 -3.35 -5.62 -3.32
CA LEU A 13 -3.60 -4.82 -2.11
C LEU A 13 -3.41 -3.32 -2.42
N CYS A 14 -3.41 -2.48 -1.37
CA CYS A 14 -3.28 -1.03 -1.54
C CYS A 14 -1.89 -0.54 -1.12
N CYS A 15 -1.54 0.67 -1.58
CA CYS A 15 -0.24 1.28 -1.27
C CYS A 15 -0.43 2.59 -0.51
N SER A 16 0.28 2.72 0.62
CA SER A 16 0.24 3.92 1.44
C SER A 16 1.27 4.94 0.98
N LYS A 17 0.90 6.23 1.02
CA LYS A 17 1.75 7.36 0.58
C LYS A 17 3.13 7.39 1.27
N PHE A 18 3.24 6.74 2.43
CA PHE A 18 4.51 6.68 3.18
C PHE A 18 5.48 5.66 2.55
N GLY A 19 4.99 4.93 1.55
CA GLY A 19 5.81 3.93 0.86
C GLY A 19 5.62 2.55 1.44
N PHE A 20 4.37 2.14 1.65
CA PHE A 20 4.05 0.83 2.22
C PHE A 20 2.88 0.14 1.49
N CYS A 21 2.71 -1.16 1.74
CA CYS A 21 1.64 -1.94 1.13
C CYS A 21 0.68 -2.48 2.20
N GLY A 22 -0.58 -2.69 1.82
CA GLY A 22 -1.57 -3.21 2.75
C GLY A 22 -3.00 -3.06 2.23
N SER A 23 -3.88 -3.95 2.68
CA SER A 23 -5.28 -3.94 2.26
C SER A 23 -6.18 -3.48 3.40
N GLY A 24 -7.22 -2.71 3.04
CA GLY A 24 -8.17 -2.21 4.04
C GLY A 24 -7.88 -0.76 4.44
N PRO A 25 -8.67 -0.17 5.39
CA PRO A 25 -8.46 1.22 5.85
C PRO A 25 -7.31 1.34 6.87
N ALA A 26 -6.10 1.05 6.38
CA ALA A 26 -4.89 1.12 7.21
C ALA A 26 -3.73 1.66 6.38
N TYR A 27 -3.57 1.11 5.18
CA TYR A 27 -2.53 1.53 4.25
C TYR A 27 -3.17 2.22 3.03
N CYS A 28 -4.51 2.19 2.98
CA CYS A 28 -5.26 2.79 1.89
C CYS A 28 -5.98 4.07 2.34
N GLY A 29 -6.59 4.01 3.53
CA GLY A 29 -7.30 5.16 4.07
C GLY A 29 -6.67 5.69 5.34
N GLY A 30 -6.49 7.02 5.39
CA GLY A 30 -5.90 7.66 6.55
C GLY A 30 -6.38 9.08 6.75
N ALA A 1 4.43 -7.87 -3.63
CA ALA A 1 3.81 -7.78 -2.28
C ALA A 1 4.85 -7.41 -1.22
N GLY A 2 4.49 -6.42 -0.39
CA GLY A 2 5.40 -5.97 0.66
C GLY A 2 6.14 -4.70 0.28
N GLU A 3 5.72 -3.56 0.88
CA GLU A 3 6.33 -2.23 0.63
C GLU A 3 6.15 -1.77 -0.83
N CYS A 4 5.96 -0.46 -1.01
CA CYS A 4 5.78 0.13 -2.34
C CYS A 4 7.10 0.61 -2.92
N VAL A 5 7.21 0.55 -4.25
CA VAL A 5 8.42 0.97 -4.97
C VAL A 5 8.04 1.98 -6.05
N ARG A 6 8.55 3.22 -5.90
CA ARG A 6 8.31 4.34 -6.85
C ARG A 6 6.81 4.65 -7.04
N GLY A 7 6.01 4.31 -6.03
CA GLY A 7 4.57 4.54 -6.07
C GLY A 7 3.78 3.43 -6.77
N ARG A 8 4.39 2.24 -6.89
CA ARG A 8 3.75 1.10 -7.53
C ARG A 8 3.88 -0.15 -6.67
N CYS A 9 2.72 -0.72 -6.29
CA CYS A 9 2.66 -1.92 -5.46
C CYS A 9 1.59 -2.90 -5.97
N PRO A 10 1.99 -4.10 -6.51
CA PRO A 10 1.04 -5.09 -7.02
C PRO A 10 0.45 -5.98 -5.90
N GLY A 11 -0.12 -7.13 -6.28
CA GLY A 11 -0.71 -8.05 -5.32
C GLY A 11 -2.22 -7.86 -5.15
N GLY A 12 -2.68 -6.62 -5.33
CA GLY A 12 -4.09 -6.30 -5.20
C GLY A 12 -4.43 -5.75 -3.83
N LEU A 13 -3.61 -4.82 -3.34
CA LEU A 13 -3.81 -4.19 -2.03
C LEU A 13 -3.63 -2.67 -2.12
N CYS A 14 -3.65 -1.98 -0.97
CA CYS A 14 -3.52 -0.52 -0.93
C CYS A 14 -2.08 -0.09 -0.66
N CYS A 15 -1.77 1.17 -1.05
CA CYS A 15 -0.43 1.73 -0.87
C CYS A 15 -0.51 3.11 -0.21
N SER A 16 0.22 3.27 0.90
CA SER A 16 0.26 4.53 1.64
C SER A 16 1.39 5.41 1.13
N LYS A 17 1.13 6.73 1.12
CA LYS A 17 2.09 7.76 0.63
C LYS A 17 3.46 7.70 1.34
N PHE A 18 3.50 7.10 2.52
CA PHE A 18 4.75 6.96 3.29
C PHE A 18 5.65 5.85 2.71
N GLY A 19 5.12 5.12 1.72
CA GLY A 19 5.86 4.04 1.08
C GLY A 19 5.56 2.68 1.69
N PHE A 20 4.25 2.39 1.86
CA PHE A 20 3.84 1.10 2.44
C PHE A 20 2.66 0.49 1.67
N CYS A 21 2.45 -0.81 1.87
CA CYS A 21 1.38 -1.56 1.21
C CYS A 21 0.60 -2.39 2.22
N GLY A 22 -0.72 -2.51 2.00
CA GLY A 22 -1.57 -3.28 2.89
C GLY A 22 -3.04 -3.25 2.48
N SER A 23 -3.79 -4.25 2.94
CA SER A 23 -5.22 -4.35 2.63
C SER A 23 -6.07 -4.04 3.85
N GLY A 24 -7.26 -3.48 3.60
CA GLY A 24 -8.18 -3.14 4.67
C GLY A 24 -8.13 -1.66 5.05
N PRO A 25 -8.94 -1.19 6.05
CA PRO A 25 -8.95 0.23 6.47
C PRO A 25 -7.74 0.59 7.36
N ALA A 26 -6.55 0.48 6.76
CA ALA A 26 -5.29 0.78 7.45
C ALA A 26 -4.34 1.50 6.50
N TYR A 27 -4.22 0.96 5.28
CA TYR A 27 -3.36 1.54 4.25
C TYR A 27 -4.22 2.06 3.09
N CYS A 28 -5.54 1.85 3.20
CA CYS A 28 -6.50 2.28 2.18
C CYS A 28 -7.07 3.66 2.49
N GLY A 29 -7.40 3.90 3.77
CA GLY A 29 -7.97 5.18 4.19
C GLY A 29 -7.38 5.66 5.51
N GLY A 30 -8.18 6.41 6.26
CA GLY A 30 -7.75 6.93 7.55
C GLY A 30 -8.31 8.30 7.84
N ALA A 1 4.52 -9.77 4.28
CA ALA A 1 5.01 -8.92 3.16
C ALA A 1 4.08 -7.73 2.94
N GLY A 2 4.68 -6.54 2.84
CA GLY A 2 3.91 -5.32 2.62
C GLY A 2 4.79 -4.12 2.33
N GLU A 3 5.48 -4.16 1.19
CA GLU A 3 6.38 -3.08 0.78
C GLU A 3 5.93 -2.49 -0.56
N CYS A 4 6.01 -1.16 -0.66
CA CYS A 4 5.62 -0.44 -1.87
C CYS A 4 6.84 0.13 -2.58
N VAL A 5 6.83 0.09 -3.91
CA VAL A 5 7.93 0.60 -4.72
C VAL A 5 7.54 1.95 -5.35
N ARG A 6 7.93 3.04 -4.67
CA ARG A 6 7.65 4.44 -5.11
C ARG A 6 6.16 4.70 -5.36
N GLY A 7 5.30 3.92 -4.67
CA GLY A 7 3.86 4.06 -4.81
C GLY A 7 3.29 3.19 -5.92
N ARG A 8 3.71 1.91 -5.95
CA ARG A 8 3.24 0.98 -6.97
C ARG A 8 2.82 -0.35 -6.35
N CYS A 9 1.52 -0.67 -6.47
CA CYS A 9 0.96 -1.91 -5.93
C CYS A 9 -0.09 -2.48 -6.91
N PRO A 10 -0.39 -3.82 -6.86
CA PRO A 10 -1.38 -4.46 -7.76
C PRO A 10 -2.83 -4.00 -7.48
N GLY A 11 -3.80 -4.81 -7.92
CA GLY A 11 -5.21 -4.47 -7.73
C GLY A 11 -5.84 -5.23 -6.57
N GLY A 12 -5.06 -5.46 -5.52
CA GLY A 12 -5.55 -6.17 -4.34
C GLY A 12 -5.41 -5.35 -3.07
N LEU A 13 -4.22 -4.74 -2.89
CA LEU A 13 -3.94 -3.93 -1.71
C LEU A 13 -3.75 -2.44 -2.10
N CYS A 14 -3.42 -1.60 -1.11
CA CYS A 14 -3.23 -0.16 -1.34
C CYS A 14 -1.85 0.31 -0.90
N CYS A 15 -1.39 1.42 -1.50
CA CYS A 15 -0.08 1.99 -1.18
C CYS A 15 -0.22 3.39 -0.56
N SER A 16 0.51 3.62 0.53
CA SER A 16 0.49 4.90 1.23
C SER A 16 1.68 5.76 0.77
N LYS A 17 1.44 7.08 0.72
CA LYS A 17 2.45 8.07 0.29
C LYS A 17 3.76 8.02 1.09
N PHE A 18 3.72 7.40 2.27
CA PHE A 18 4.90 7.26 3.14
C PHE A 18 5.84 6.16 2.62
N GLY A 19 5.38 5.42 1.60
CA GLY A 19 6.16 4.34 1.01
C GLY A 19 5.82 2.99 1.59
N PHE A 20 4.52 2.69 1.69
CA PHE A 20 4.07 1.41 2.26
C PHE A 20 2.93 0.80 1.43
N CYS A 21 2.79 -0.53 1.52
CA CYS A 21 1.74 -1.26 0.81
C CYS A 21 1.12 -2.32 1.72
N GLY A 22 -0.22 -2.34 1.77
CA GLY A 22 -0.94 -3.29 2.61
C GLY A 22 -2.42 -3.39 2.27
N SER A 23 -3.10 -4.34 2.90
CA SER A 23 -4.52 -4.57 2.67
C SER A 23 -5.34 -4.24 3.91
N GLY A 24 -6.60 -3.84 3.68
CA GLY A 24 -7.51 -3.49 4.77
C GLY A 24 -7.69 -1.98 4.93
N PRO A 25 -8.54 -1.51 5.90
CA PRO A 25 -8.78 -0.07 6.12
C PRO A 25 -7.66 0.58 6.95
N ALA A 26 -6.45 0.60 6.36
CA ALA A 26 -5.27 1.18 6.99
C ALA A 26 -4.42 1.90 5.96
N TYR A 27 -4.18 1.22 4.84
CA TYR A 27 -3.41 1.77 3.72
C TYR A 27 -4.35 2.14 2.57
N CYS A 28 -5.63 1.76 2.71
CA CYS A 28 -6.65 2.04 1.71
C CYS A 28 -7.48 3.27 2.09
N GLY A 29 -7.86 3.35 3.38
CA GLY A 29 -8.65 4.47 3.86
C GLY A 29 -7.81 5.51 4.57
N GLY A 30 -7.86 6.75 4.07
CA GLY A 30 -7.10 7.85 4.66
C GLY A 30 -7.70 9.20 4.35
N ALA A 1 7.07 -9.14 3.72
CA ALA A 1 7.46 -7.94 2.94
C ALA A 1 6.23 -7.22 2.40
N GLY A 2 6.20 -5.89 2.59
CA GLY A 2 5.10 -5.08 2.12
C GLY A 2 5.47 -3.62 1.96
N GLU A 3 6.25 -3.32 0.91
CA GLU A 3 6.68 -1.96 0.63
C GLU A 3 6.38 -1.58 -0.82
N CYS A 4 6.11 -0.29 -1.04
CA CYS A 4 5.81 0.23 -2.38
C CYS A 4 7.07 0.73 -3.09
N VAL A 5 7.07 0.63 -4.41
CA VAL A 5 8.21 1.05 -5.24
C VAL A 5 7.79 2.22 -6.14
N ARG A 6 8.26 3.44 -5.79
CA ARG A 6 7.97 4.69 -6.53
C ARG A 6 6.45 4.94 -6.69
N GLY A 7 5.67 4.43 -5.74
CA GLY A 7 4.22 4.60 -5.75
C GLY A 7 3.48 3.47 -6.45
N ARG A 8 4.15 2.31 -6.59
CA ARG A 8 3.57 1.14 -7.24
C ARG A 8 3.80 -0.12 -6.41
N CYS A 9 2.69 -0.78 -6.02
CA CYS A 9 2.76 -2.00 -5.22
C CYS A 9 1.77 -3.05 -5.75
N PRO A 10 2.26 -4.24 -6.24
CA PRO A 10 1.38 -5.30 -6.76
C PRO A 10 0.78 -6.18 -5.65
N GLY A 11 0.30 -7.37 -6.02
CA GLY A 11 -0.31 -8.28 -5.06
C GLY A 11 -1.83 -8.16 -4.99
N GLY A 12 -2.33 -6.95 -5.25
CA GLY A 12 -3.76 -6.69 -5.21
C GLY A 12 -4.21 -6.10 -3.88
N LEU A 13 -3.43 -5.15 -3.36
CA LEU A 13 -3.74 -4.48 -2.09
C LEU A 13 -3.57 -2.95 -2.22
N CYS A 14 -3.62 -2.23 -1.08
CA CYS A 14 -3.51 -0.77 -1.08
C CYS A 14 -2.07 -0.32 -0.77
N CYS A 15 -1.76 0.92 -1.19
CA CYS A 15 -0.44 1.50 -0.97
C CYS A 15 -0.56 2.85 -0.26
N SER A 16 0.17 2.98 0.86
CA SER A 16 0.18 4.20 1.66
C SER A 16 1.28 5.15 1.15
N LYS A 17 0.96 6.47 1.18
CA LYS A 17 1.87 7.53 0.71
C LYS A 17 3.26 7.51 1.37
N PHE A 18 3.34 6.86 2.55
CA PHE A 18 4.61 6.75 3.29
C PHE A 18 5.53 5.68 2.67
N GLY A 19 4.99 4.95 1.68
CA GLY A 19 5.75 3.91 0.99
C GLY A 19 5.50 2.53 1.59
N PHE A 20 4.22 2.21 1.79
CA PHE A 20 3.85 0.90 2.38
C PHE A 20 2.66 0.27 1.65
N CYS A 21 2.46 -1.04 1.87
CA CYS A 21 1.36 -1.78 1.27
C CYS A 21 0.51 -2.45 2.34
N GLY A 22 -0.79 -2.62 2.06
CA GLY A 22 -1.69 -3.25 3.01
C GLY A 22 -3.13 -3.30 2.51
N SER A 23 -3.90 -4.25 3.07
CA SER A 23 -5.30 -4.42 2.69
C SER A 23 -6.23 -3.99 3.81
N GLY A 24 -7.28 -3.25 3.44
CA GLY A 24 -8.25 -2.76 4.42
C GLY A 24 -8.08 -1.29 4.76
N PRO A 25 -8.89 -0.71 5.69
CA PRO A 25 -8.81 0.71 6.08
C PRO A 25 -7.65 0.98 7.07
N ALA A 26 -6.43 0.76 6.58
CA ALA A 26 -5.21 0.97 7.38
C ALA A 26 -4.13 1.61 6.53
N TYR A 27 -3.92 1.04 5.33
CA TYR A 27 -2.94 1.56 4.38
C TYR A 27 -3.65 2.16 3.16
N CYS A 28 -4.98 2.02 3.15
CA CYS A 28 -5.82 2.53 2.06
C CYS A 28 -6.43 3.89 2.41
N GLY A 29 -6.90 4.02 3.66
CA GLY A 29 -7.50 5.27 4.12
C GLY A 29 -6.54 6.10 4.94
N GLY A 30 -6.46 7.39 4.61
CA GLY A 30 -5.58 8.31 5.32
C GLY A 30 -5.17 9.49 4.48
N ALA A 1 6.94 -8.07 5.75
CA ALA A 1 7.36 -7.42 4.48
C ALA A 1 6.17 -6.83 3.74
N GLY A 2 6.41 -5.74 3.01
CA GLY A 2 5.36 -5.07 2.26
C GLY A 2 5.64 -3.60 2.07
N GLU A 3 6.41 -3.28 1.02
CA GLU A 3 6.75 -1.88 0.72
C GLU A 3 6.46 -1.56 -0.75
N CYS A 4 6.16 -0.28 -1.01
CA CYS A 4 5.86 0.19 -2.37
C CYS A 4 7.12 0.64 -3.10
N VAL A 5 7.12 0.47 -4.42
CA VAL A 5 8.27 0.85 -5.26
C VAL A 5 7.87 1.98 -6.20
N ARG A 6 8.46 3.18 -5.97
CA ARG A 6 8.21 4.41 -6.77
C ARG A 6 6.71 4.79 -6.82
N GLY A 7 5.97 4.38 -5.78
CA GLY A 7 4.55 4.67 -5.70
C GLY A 7 3.66 3.60 -6.34
N ARG A 8 4.24 2.42 -6.57
CA ARG A 8 3.50 1.30 -7.19
C ARG A 8 3.75 0.01 -6.40
N CYS A 9 2.64 -0.61 -5.98
CA CYS A 9 2.70 -1.86 -5.21
C CYS A 9 1.67 -2.88 -5.75
N PRO A 10 2.13 -4.05 -6.29
CA PRO A 10 1.23 -5.08 -6.82
C PRO A 10 0.62 -5.97 -5.72
N GLY A 11 0.10 -7.14 -6.12
CA GLY A 11 -0.51 -8.08 -5.19
C GLY A 11 -2.01 -7.92 -5.08
N GLY A 12 -2.50 -6.69 -5.29
CA GLY A 12 -3.93 -6.42 -5.22
C GLY A 12 -4.34 -5.85 -3.87
N LEU A 13 -3.53 -4.91 -3.35
CA LEU A 13 -3.79 -4.27 -2.07
C LEU A 13 -3.60 -2.75 -2.16
N CYS A 14 -3.63 -2.04 -1.02
CA CYS A 14 -3.48 -0.59 -1.00
C CYS A 14 -2.04 -0.16 -0.71
N CYS A 15 -1.70 1.07 -1.13
CA CYS A 15 -0.37 1.62 -0.94
C CYS A 15 -0.44 3.00 -0.29
N SER A 16 0.27 3.15 0.83
CA SER A 16 0.32 4.41 1.57
C SER A 16 1.45 5.30 1.05
N LYS A 17 1.19 6.62 1.03
CA LYS A 17 2.13 7.64 0.53
C LYS A 17 3.51 7.58 1.19
N PHE A 18 3.59 6.97 2.38
CA PHE A 18 4.86 6.83 3.11
C PHE A 18 5.73 5.72 2.51
N GLY A 19 5.16 4.98 1.55
CA GLY A 19 5.86 3.89 0.89
C GLY A 19 5.57 2.54 1.53
N PHE A 20 4.28 2.25 1.74
CA PHE A 20 3.87 0.98 2.36
C PHE A 20 2.67 0.35 1.64
N CYS A 21 2.49 -0.96 1.84
CA CYS A 21 1.39 -1.70 1.25
C CYS A 21 0.54 -2.38 2.33
N GLY A 22 -0.75 -2.55 2.05
CA GLY A 22 -1.65 -3.18 3.00
C GLY A 22 -3.10 -3.21 2.53
N SER A 23 -3.86 -4.17 3.03
CA SER A 23 -5.27 -4.32 2.67
C SER A 23 -6.18 -4.00 3.86
N GLY A 24 -7.34 -3.41 3.55
CA GLY A 24 -8.30 -3.05 4.58
C GLY A 24 -8.22 -1.57 4.97
N PRO A 25 -9.04 -1.10 5.97
CA PRO A 25 -9.03 0.30 6.41
C PRO A 25 -7.83 0.64 7.31
N ALA A 26 -6.63 0.51 6.73
CA ALA A 26 -5.38 0.78 7.45
C ALA A 26 -4.40 1.50 6.52
N TYR A 27 -4.28 0.98 5.30
CA TYR A 27 -3.40 1.55 4.27
C TYR A 27 -4.23 2.05 3.09
N CYS A 28 -5.55 1.84 3.17
CA CYS A 28 -6.48 2.24 2.11
C CYS A 28 -7.08 3.63 2.38
N GLY A 29 -7.45 3.87 3.65
CA GLY A 29 -8.03 5.15 4.03
C GLY A 29 -7.98 5.38 5.53
N GLY A 30 -9.13 5.79 6.10
CA GLY A 30 -9.22 6.05 7.53
C GLY A 30 -10.62 5.86 8.06
N ALA A 1 5.23 -6.96 -2.28
CA ALA A 1 4.51 -7.04 -0.98
C ALA A 1 5.37 -6.52 0.16
N GLY A 2 4.75 -5.71 1.03
CA GLY A 2 5.46 -5.15 2.17
C GLY A 2 5.78 -3.68 1.98
N GLU A 3 6.50 -3.37 0.89
CA GLU A 3 6.89 -2.00 0.58
C GLU A 3 6.52 -1.63 -0.86
N CYS A 4 6.25 -0.34 -1.09
CA CYS A 4 5.89 0.16 -2.42
C CYS A 4 7.11 0.65 -3.18
N VAL A 5 7.06 0.53 -4.51
CA VAL A 5 8.16 0.97 -5.38
C VAL A 5 7.71 2.18 -6.22
N ARG A 6 8.24 3.36 -5.89
CA ARG A 6 7.93 4.64 -6.58
C ARG A 6 6.42 4.96 -6.60
N GLY A 7 5.70 4.44 -5.60
CA GLY A 7 4.26 4.66 -5.49
C GLY A 7 3.42 3.57 -6.16
N ARG A 8 4.05 2.42 -6.42
CA ARG A 8 3.37 1.28 -7.05
C ARG A 8 3.68 -0.01 -6.31
N CYS A 9 2.61 -0.71 -5.88
CA CYS A 9 2.75 -1.97 -5.15
C CYS A 9 1.79 -3.04 -5.70
N PRO A 10 2.32 -4.19 -6.23
CA PRO A 10 1.47 -5.27 -6.78
C PRO A 10 0.87 -6.18 -5.68
N GLY A 11 0.43 -7.38 -6.08
CA GLY A 11 -0.16 -8.32 -5.13
C GLY A 11 -1.68 -8.23 -5.07
N GLY A 12 -2.20 -7.03 -5.30
CA GLY A 12 -3.64 -6.79 -5.26
C GLY A 12 -4.10 -6.21 -3.94
N LEU A 13 -3.35 -5.23 -3.43
CA LEU A 13 -3.66 -4.57 -2.17
C LEU A 13 -3.51 -3.04 -2.29
N CYS A 14 -3.54 -2.32 -1.16
CA CYS A 14 -3.43 -0.86 -1.16
C CYS A 14 -2.02 -0.39 -0.81
N CYS A 15 -1.71 0.86 -1.17
CA CYS A 15 -0.40 1.45 -0.90
C CYS A 15 -0.56 2.80 -0.22
N SER A 16 0.16 2.97 0.90
CA SER A 16 0.14 4.22 1.67
C SER A 16 1.24 5.16 1.20
N LYS A 17 0.95 6.48 1.25
CA LYS A 17 1.86 7.55 0.82
C LYS A 17 3.25 7.49 1.46
N PHE A 18 3.36 6.79 2.60
CA PHE A 18 4.63 6.62 3.31
C PHE A 18 5.54 5.60 2.62
N GLY A 19 4.99 4.94 1.58
CA GLY A 19 5.71 3.93 0.83
C GLY A 19 5.52 2.54 1.40
N PHE A 20 4.26 2.20 1.72
CA PHE A 20 3.94 0.89 2.31
C PHE A 20 2.73 0.26 1.63
N CYS A 21 2.58 -1.07 1.80
CA CYS A 21 1.48 -1.82 1.23
C CYS A 21 0.61 -2.43 2.32
N GLY A 22 -0.69 -2.64 2.02
CA GLY A 22 -1.61 -3.22 2.99
C GLY A 22 -3.03 -3.27 2.50
N SER A 23 -3.85 -4.12 3.13
CA SER A 23 -5.25 -4.27 2.75
C SER A 23 -6.17 -3.83 3.89
N GLY A 24 -7.29 -3.22 3.51
CA GLY A 24 -8.27 -2.75 4.48
C GLY A 24 -8.14 -1.25 4.79
N PRO A 25 -8.96 -0.68 5.71
CA PRO A 25 -8.91 0.74 6.07
C PRO A 25 -7.77 1.06 7.05
N ALA A 26 -6.53 0.86 6.58
CA ALA A 26 -5.33 1.10 7.37
C ALA A 26 -4.25 1.75 6.51
N TYR A 27 -4.05 1.17 5.33
CA TYR A 27 -3.07 1.68 4.36
C TYR A 27 -3.79 2.17 3.11
N CYS A 28 -5.12 1.97 3.07
CA CYS A 28 -5.95 2.37 1.94
C CYS A 28 -6.66 3.70 2.22
N GLY A 29 -7.18 3.86 3.44
CA GLY A 29 -7.87 5.07 3.83
C GLY A 29 -7.74 5.37 5.31
N GLY A 30 -8.73 4.95 6.09
CA GLY A 30 -8.72 5.18 7.53
C GLY A 30 -10.12 5.28 8.12
N ALA A 1 5.48 -8.65 4.34
CA ALA A 1 6.16 -7.80 3.33
C ALA A 1 5.16 -7.14 2.40
N GLY A 2 5.50 -5.93 1.96
CA GLY A 2 4.62 -5.17 1.06
C GLY A 2 4.85 -3.68 1.15
N GLU A 3 5.81 -3.18 0.36
CA GLU A 3 6.14 -1.75 0.33
C GLU A 3 6.23 -1.25 -1.10
N CYS A 4 5.93 0.04 -1.28
CA CYS A 4 5.98 0.67 -2.61
C CYS A 4 7.33 1.36 -2.85
N VAL A 5 8.05 0.88 -3.87
CA VAL A 5 9.35 1.43 -4.24
C VAL A 5 9.38 1.74 -5.74
N ARG A 6 8.87 2.93 -6.10
CA ARG A 6 8.81 3.42 -7.51
C ARG A 6 8.06 2.42 -8.43
N GLY A 7 7.12 1.68 -7.84
CA GLY A 7 6.34 0.70 -8.60
C GLY A 7 4.91 0.57 -8.12
N ARG A 8 4.72 0.63 -6.78
CA ARG A 8 3.40 0.52 -6.12
C ARG A 8 2.71 -0.83 -6.40
N CYS A 9 1.71 -1.15 -5.57
CA CYS A 9 0.95 -2.42 -5.68
C CYS A 9 -0.23 -2.26 -6.66
N PRO A 10 -0.66 -3.37 -7.34
CA PRO A 10 -1.79 -3.33 -8.30
C PRO A 10 -3.15 -2.97 -7.65
N GLY A 11 -4.26 -3.40 -8.27
CA GLY A 11 -5.59 -3.11 -7.76
C GLY A 11 -6.09 -4.13 -6.74
N GLY A 12 -5.14 -4.79 -6.06
CA GLY A 12 -5.48 -5.79 -5.05
C GLY A 12 -5.46 -5.22 -3.64
N LEU A 13 -4.37 -4.51 -3.31
CA LEU A 13 -4.21 -3.90 -1.99
C LEU A 13 -4.06 -2.37 -2.12
N CYS A 14 -3.76 -1.70 -1.00
CA CYS A 14 -3.61 -0.24 -0.97
C CYS A 14 -2.18 0.16 -0.64
N CYS A 15 -1.78 1.35 -1.11
CA CYS A 15 -0.44 1.87 -0.88
C CYS A 15 -0.50 3.24 -0.18
N SER A 16 0.30 3.38 0.89
CA SER A 16 0.37 4.62 1.66
C SER A 16 1.48 5.51 1.12
N LYS A 17 1.23 6.84 1.12
CA LYS A 17 2.18 7.86 0.63
C LYS A 17 3.53 7.83 1.35
N PHE A 18 3.59 7.20 2.53
CA PHE A 18 4.83 7.08 3.30
C PHE A 18 5.75 5.99 2.71
N GLY A 19 5.22 5.24 1.73
CA GLY A 19 5.98 4.17 1.09
C GLY A 19 5.67 2.81 1.66
N PHE A 20 4.37 2.50 1.80
CA PHE A 20 3.95 1.20 2.35
C PHE A 20 2.77 0.61 1.56
N CYS A 21 2.58 -0.71 1.71
CA CYS A 21 1.49 -1.43 1.04
C CYS A 21 0.78 -2.36 2.00
N GLY A 22 -0.54 -2.50 1.83
CA GLY A 22 -1.34 -3.36 2.68
C GLY A 22 -2.81 -3.36 2.30
N SER A 23 -3.53 -4.40 2.76
CA SER A 23 -4.95 -4.53 2.46
C SER A 23 -5.80 -4.29 3.71
N GLY A 24 -7.01 -3.76 3.49
CA GLY A 24 -7.93 -3.47 4.59
C GLY A 24 -7.98 -1.98 4.95
N PRO A 25 -8.82 -1.57 5.95
CA PRO A 25 -8.94 -0.16 6.36
C PRO A 25 -7.77 0.30 7.24
N ALA A 26 -6.57 0.28 6.65
CA ALA A 26 -5.34 0.68 7.34
C ALA A 26 -4.45 1.48 6.40
N TYR A 27 -4.25 0.93 5.19
CA TYR A 27 -3.45 1.57 4.14
C TYR A 27 -4.35 2.12 3.04
N CYS A 28 -5.67 1.86 3.18
CA CYS A 28 -6.66 2.32 2.21
C CYS A 28 -7.26 3.67 2.61
N GLY A 29 -7.58 3.81 3.92
CA GLY A 29 -8.16 5.03 4.43
C GLY A 29 -9.64 4.89 4.74
N GLY A 30 -10.41 4.49 3.72
CA GLY A 30 -11.85 4.31 3.90
C GLY A 30 -12.61 4.42 2.59
N ALA A 1 6.72 -6.74 5.88
CA ALA A 1 6.41 -7.18 4.50
C ALA A 1 5.36 -6.28 3.85
N GLY A 2 5.58 -5.96 2.58
CA GLY A 2 4.66 -5.10 1.84
C GLY A 2 5.15 -3.67 1.74
N GLU A 3 5.98 -3.40 0.73
CA GLU A 3 6.53 -2.07 0.50
C GLU A 3 6.31 -1.61 -0.93
N CYS A 4 6.08 -0.30 -1.11
CA CYS A 4 5.85 0.29 -2.44
C CYS A 4 7.15 0.80 -3.05
N VAL A 5 7.21 0.75 -4.39
CA VAL A 5 8.38 1.20 -5.12
C VAL A 5 7.99 2.34 -6.07
N ARG A 6 8.37 3.59 -5.70
CA ARG A 6 8.07 4.82 -6.48
C ARG A 6 6.56 5.01 -6.75
N GLY A 7 5.74 4.46 -5.85
CA GLY A 7 4.29 4.56 -5.97
C GLY A 7 3.67 3.38 -6.73
N ARG A 8 4.33 2.22 -6.69
CA ARG A 8 3.84 1.01 -7.36
C ARG A 8 3.99 -0.21 -6.47
N CYS A 9 2.85 -0.82 -6.13
CA CYS A 9 2.82 -2.02 -5.27
C CYS A 9 1.79 -3.04 -5.80
N PRO A 10 2.25 -4.25 -6.27
CA PRO A 10 1.34 -5.28 -6.79
C PRO A 10 0.69 -6.12 -5.66
N GLY A 11 0.16 -7.30 -6.03
CA GLY A 11 -0.48 -8.18 -5.07
C GLY A 11 -1.99 -8.00 -5.01
N GLY A 12 -2.44 -6.76 -5.26
CA GLY A 12 -3.86 -6.44 -5.24
C GLY A 12 -4.31 -5.87 -3.89
N LEU A 13 -3.49 -4.95 -3.35
CA LEU A 13 -3.79 -4.30 -2.07
C LEU A 13 -3.58 -2.78 -2.16
N CYS A 14 -3.64 -2.08 -1.02
CA CYS A 14 -3.50 -0.62 -0.99
C CYS A 14 -2.06 -0.20 -0.72
N CYS A 15 -1.72 1.02 -1.17
CA CYS A 15 -0.38 1.59 -1.01
C CYS A 15 -0.46 2.95 -0.34
N SER A 16 0.29 3.09 0.77
CA SER A 16 0.33 4.34 1.52
C SER A 16 1.47 5.23 1.03
N LYS A 17 1.22 6.56 1.02
CA LYS A 17 2.18 7.58 0.55
C LYS A 17 3.54 7.52 1.25
N PHE A 18 3.58 6.90 2.44
CA PHE A 18 4.83 6.75 3.21
C PHE A 18 5.72 5.64 2.62
N GLY A 19 5.18 4.92 1.62
CA GLY A 19 5.91 3.83 0.97
C GLY A 19 5.61 2.48 1.58
N PHE A 20 4.31 2.19 1.77
CA PHE A 20 3.90 0.91 2.36
C PHE A 20 2.68 0.32 1.64
N CYS A 21 2.44 -0.98 1.89
CA CYS A 21 1.32 -1.70 1.28
C CYS A 21 0.48 -2.39 2.37
N GLY A 22 -0.83 -2.56 2.09
CA GLY A 22 -1.71 -3.21 3.05
C GLY A 22 -3.15 -3.25 2.58
N SER A 23 -3.92 -4.18 3.15
CA SER A 23 -5.34 -4.35 2.80
C SER A 23 -6.23 -3.97 3.97
N GLY A 24 -7.39 -3.37 3.65
CA GLY A 24 -8.34 -2.96 4.68
C GLY A 24 -8.22 -1.48 5.04
N PRO A 25 -9.02 -0.97 6.03
CA PRO A 25 -8.98 0.45 6.43
C PRO A 25 -7.76 0.77 7.33
N ALA A 26 -6.57 0.61 6.74
CA ALA A 26 -5.31 0.86 7.44
C ALA A 26 -4.33 1.56 6.50
N TYR A 27 -4.22 1.03 5.28
CA TYR A 27 -3.34 1.57 4.25
C TYR A 27 -4.18 2.07 3.05
N CYS A 28 -5.50 1.88 3.15
CA CYS A 28 -6.44 2.28 2.10
C CYS A 28 -7.00 3.68 2.35
N GLY A 29 -7.36 3.95 3.62
CA GLY A 29 -7.90 5.24 3.99
C GLY A 29 -9.42 5.23 4.11
N GLY A 30 -9.92 5.50 5.31
CA GLY A 30 -11.36 5.52 5.56
C GLY A 30 -11.74 6.46 6.67
N ALA A 1 6.75 -9.74 2.42
CA ALA A 1 7.15 -8.35 2.12
C ALA A 1 5.92 -7.48 1.85
N GLY A 2 6.00 -6.23 2.31
CA GLY A 2 4.90 -5.28 2.12
C GLY A 2 5.38 -3.85 2.01
N GLU A 3 6.14 -3.57 0.95
CA GLU A 3 6.68 -2.23 0.69
C GLU A 3 6.35 -1.77 -0.72
N CYS A 4 6.24 -0.45 -0.89
CA CYS A 4 5.94 0.15 -2.19
C CYS A 4 7.21 0.61 -2.90
N VAL A 5 7.28 0.33 -4.20
CA VAL A 5 8.42 0.71 -5.03
C VAL A 5 8.07 1.97 -5.84
N ARG A 6 8.44 3.14 -5.29
CA ARG A 6 8.18 4.47 -5.90
C ARG A 6 6.68 4.74 -6.11
N GLY A 7 5.86 4.05 -5.30
CA GLY A 7 4.40 4.19 -5.37
C GLY A 7 3.76 3.26 -6.39
N ARG A 8 4.07 1.96 -6.28
CA ARG A 8 3.53 0.95 -7.19
C ARG A 8 3.05 -0.28 -6.44
N CYS A 9 1.76 -0.61 -6.62
CA CYS A 9 1.14 -1.78 -5.98
C CYS A 9 0.11 -2.42 -6.92
N PRO A 10 -0.14 -3.76 -6.80
CA PRO A 10 -1.12 -4.47 -7.66
C PRO A 10 -2.59 -4.07 -7.38
N GLY A 11 -3.52 -4.92 -7.78
CA GLY A 11 -4.95 -4.64 -7.58
C GLY A 11 -5.56 -5.49 -6.47
N GLY A 12 -4.78 -5.71 -5.40
CA GLY A 12 -5.24 -6.48 -4.26
C GLY A 12 -5.21 -5.71 -2.97
N LEU A 13 -4.14 -4.92 -2.77
CA LEU A 13 -3.96 -4.12 -1.57
C LEU A 13 -3.77 -2.63 -1.92
N CYS A 14 -3.62 -1.78 -0.90
CA CYS A 14 -3.46 -0.33 -1.10
C CYS A 14 -2.05 0.12 -0.73
N CYS A 15 -1.63 1.27 -1.28
CA CYS A 15 -0.31 1.84 -1.03
C CYS A 15 -0.41 3.24 -0.42
N SER A 16 0.31 3.43 0.69
CA SER A 16 0.34 4.71 1.40
C SER A 16 1.54 5.54 0.94
N LYS A 17 1.32 6.87 0.88
CA LYS A 17 2.34 7.84 0.44
C LYS A 17 3.66 7.77 1.24
N PHE A 18 3.61 7.15 2.42
CA PHE A 18 4.79 6.98 3.28
C PHE A 18 5.72 5.88 2.75
N GLY A 19 5.24 5.16 1.72
CA GLY A 19 6.01 4.08 1.11
C GLY A 19 5.67 2.72 1.68
N PHE A 20 4.37 2.43 1.81
CA PHE A 20 3.91 1.15 2.36
C PHE A 20 2.71 0.60 1.59
N CYS A 21 2.51 -0.72 1.66
CA CYS A 21 1.39 -1.38 0.99
C CYS A 21 0.75 -2.43 1.89
N GLY A 22 -0.58 -2.42 1.96
CA GLY A 22 -1.31 -3.37 2.80
C GLY A 22 -2.78 -3.43 2.46
N SER A 23 -3.46 -4.45 2.99
CA SER A 23 -4.89 -4.65 2.75
C SER A 23 -5.71 -4.28 3.98
N GLY A 24 -6.93 -3.79 3.74
CA GLY A 24 -7.83 -3.41 4.82
C GLY A 24 -7.92 -1.89 5.00
N PRO A 25 -8.77 -1.38 5.96
CA PRO A 25 -8.91 0.06 6.19
C PRO A 25 -7.77 0.65 7.04
N ALA A 26 -6.56 0.60 6.48
CA ALA A 26 -5.36 1.10 7.14
C ALA A 26 -4.45 1.79 6.12
N TYR A 27 -4.21 1.11 5.01
CA TYR A 27 -3.38 1.62 3.92
C TYR A 27 -4.27 2.10 2.77
N CYS A 28 -5.59 1.84 2.90
CA CYS A 28 -6.57 2.22 1.89
C CYS A 28 -7.22 3.57 2.22
N GLY A 29 -7.54 3.77 3.50
CA GLY A 29 -8.16 5.01 3.95
C GLY A 29 -7.17 5.97 4.58
N GLY A 30 -6.53 5.53 5.67
CA GLY A 30 -5.56 6.36 6.36
C GLY A 30 -5.50 6.07 7.85
N ALA A 1 5.62 -7.25 -2.36
CA ALA A 1 4.63 -7.12 -1.25
C ALA A 1 5.30 -6.61 0.02
N GLY A 2 4.58 -5.75 0.75
CA GLY A 2 5.11 -5.18 1.99
C GLY A 2 5.45 -3.71 1.86
N GLU A 3 6.30 -3.40 0.86
CA GLU A 3 6.72 -2.02 0.60
C GLU A 3 6.43 -1.62 -0.84
N CYS A 4 6.17 -0.31 -1.04
CA CYS A 4 5.87 0.22 -2.37
C CYS A 4 7.13 0.70 -3.07
N VAL A 5 7.12 0.63 -4.40
CA VAL A 5 8.25 1.05 -5.22
C VAL A 5 7.82 2.16 -6.20
N ARG A 6 8.33 3.38 -5.99
CA ARG A 6 8.04 4.57 -6.82
C ARG A 6 6.52 4.88 -6.88
N GLY A 7 5.80 4.47 -5.83
CA GLY A 7 4.36 4.70 -5.75
C GLY A 7 3.53 3.60 -6.39
N ARG A 8 4.14 2.42 -6.59
CA ARG A 8 3.46 1.27 -7.19
C ARG A 8 3.72 0.00 -6.40
N CYS A 9 2.63 -0.65 -5.98
CA CYS A 9 2.70 -1.88 -5.19
C CYS A 9 1.70 -2.93 -5.72
N PRO A 10 2.19 -4.10 -6.24
CA PRO A 10 1.30 -5.16 -6.75
C PRO A 10 0.70 -6.05 -5.64
N GLY A 11 0.22 -7.23 -6.02
CA GLY A 11 -0.37 -8.17 -5.07
C GLY A 11 -1.89 -8.04 -4.97
N GLY A 12 -2.40 -6.83 -5.20
CA GLY A 12 -3.83 -6.58 -5.13
C GLY A 12 -4.25 -5.98 -3.79
N LEU A 13 -3.46 -5.03 -3.28
CA LEU A 13 -3.73 -4.37 -2.00
C LEU A 13 -3.55 -2.85 -2.13
N CYS A 14 -3.58 -2.13 -1.00
CA CYS A 14 -3.45 -0.67 -0.99
C CYS A 14 -2.01 -0.23 -0.70
N CYS A 15 -1.68 0.99 -1.14
CA CYS A 15 -0.36 1.57 -0.96
C CYS A 15 -0.45 2.93 -0.29
N SER A 16 0.30 3.11 0.81
CA SER A 16 0.33 4.36 1.55
C SER A 16 1.49 5.23 1.07
N LYS A 17 1.24 6.57 1.04
CA LYS A 17 2.22 7.58 0.58
C LYS A 17 3.57 7.51 1.30
N PHE A 18 3.59 6.88 2.49
CA PHE A 18 4.83 6.72 3.27
C PHE A 18 5.74 5.63 2.68
N GLY A 19 5.20 4.91 1.68
CA GLY A 19 5.95 3.84 1.02
C GLY A 19 5.66 2.49 1.62
N PHE A 20 4.37 2.18 1.83
CA PHE A 20 3.96 0.90 2.42
C PHE A 20 2.74 0.30 1.71
N CYS A 21 2.53 -1.01 1.91
CA CYS A 21 1.41 -1.73 1.30
C CYS A 21 0.56 -2.40 2.38
N GLY A 22 -0.74 -2.58 2.10
CA GLY A 22 -1.64 -3.21 3.06
C GLY A 22 -3.08 -3.23 2.58
N SER A 23 -3.85 -4.19 3.10
CA SER A 23 -5.26 -4.34 2.74
C SER A 23 -6.17 -3.98 3.91
N GLY A 24 -7.32 -3.38 3.60
CA GLY A 24 -8.27 -2.98 4.62
C GLY A 24 -8.20 -1.50 4.95
N PRO A 25 -9.02 -0.98 5.92
CA PRO A 25 -9.03 0.44 6.30
C PRO A 25 -7.83 0.81 7.20
N ALA A 26 -6.64 0.67 6.63
CA ALA A 26 -5.39 0.98 7.33
C ALA A 26 -4.39 1.64 6.37
N TYR A 27 -4.27 1.05 5.18
CA TYR A 27 -3.39 1.57 4.14
C TYR A 27 -4.21 2.04 2.94
N CYS A 28 -5.54 1.86 3.03
CA CYS A 28 -6.47 2.27 1.97
C CYS A 28 -7.04 3.67 2.22
N GLY A 29 -7.39 3.94 3.48
CA GLY A 29 -7.94 5.24 3.84
C GLY A 29 -7.69 5.59 5.30
N GLY A 30 -6.63 6.38 5.53
CA GLY A 30 -6.28 6.78 6.89
C GLY A 30 -4.79 7.00 7.06
N ALA A 1 6.61 -7.82 4.75
CA ALA A 1 5.67 -7.98 3.61
C ALA A 1 4.73 -6.79 3.50
N GLY A 2 4.61 -6.26 2.28
CA GLY A 2 3.76 -5.10 2.03
C GLY A 2 4.52 -3.80 1.96
N GLU A 3 5.29 -3.63 0.87
CA GLU A 3 6.10 -2.43 0.66
C GLU A 3 5.82 -1.83 -0.72
N CYS A 4 5.87 -0.50 -0.80
CA CYS A 4 5.63 0.23 -2.05
C CYS A 4 6.95 0.61 -2.72
N VAL A 5 7.05 0.31 -4.02
CA VAL A 5 8.25 0.63 -4.80
C VAL A 5 7.98 1.88 -5.65
N ARG A 6 8.38 3.05 -5.11
CA ARG A 6 8.21 4.37 -5.77
C ARG A 6 6.73 4.67 -6.07
N GLY A 7 5.84 4.05 -5.30
CA GLY A 7 4.40 4.24 -5.46
C GLY A 7 3.79 3.29 -6.48
N ARG A 8 4.13 2.00 -6.38
CA ARG A 8 3.61 0.98 -7.29
C ARG A 8 3.12 -0.26 -6.53
N CYS A 9 1.82 -0.55 -6.68
CA CYS A 9 1.19 -1.70 -6.04
C CYS A 9 0.18 -2.36 -6.99
N PRO A 10 -0.07 -3.71 -6.85
CA PRO A 10 -1.03 -4.43 -7.72
C PRO A 10 -2.50 -4.05 -7.45
N GLY A 11 -3.43 -4.92 -7.86
CA GLY A 11 -4.85 -4.66 -7.66
C GLY A 11 -5.46 -5.50 -6.55
N GLY A 12 -4.69 -5.70 -5.47
CA GLY A 12 -5.15 -6.49 -4.34
C GLY A 12 -5.13 -5.70 -3.04
N LEU A 13 -4.03 -4.96 -2.82
CA LEU A 13 -3.86 -4.15 -1.61
C LEU A 13 -3.72 -2.66 -1.97
N CYS A 14 -3.58 -1.81 -0.95
CA CYS A 14 -3.46 -0.37 -1.14
C CYS A 14 -2.05 0.13 -0.82
N CYS A 15 -1.65 1.22 -1.48
CA CYS A 15 -0.33 1.82 -1.28
C CYS A 15 -0.43 3.15 -0.53
N SER A 16 0.35 3.28 0.54
CA SER A 16 0.38 4.50 1.35
C SER A 16 1.54 5.40 0.92
N LYS A 17 1.25 6.71 0.86
CA LYS A 17 2.23 7.75 0.43
C LYS A 17 3.54 7.72 1.23
N PHE A 18 3.51 7.14 2.43
CA PHE A 18 4.70 7.03 3.28
C PHE A 18 5.64 5.91 2.79
N GLY A 19 5.16 5.16 1.79
CA GLY A 19 5.94 4.07 1.21
C GLY A 19 5.61 2.73 1.85
N PHE A 20 4.32 2.45 2.05
CA PHE A 20 3.89 1.19 2.67
C PHE A 20 2.59 0.67 2.04
N CYS A 21 2.65 -0.56 1.54
CA CYS A 21 1.49 -1.20 0.90
C CYS A 21 0.90 -2.26 1.81
N GLY A 22 -0.45 -2.33 1.84
CA GLY A 22 -1.13 -3.31 2.67
C GLY A 22 -2.62 -3.36 2.38
N SER A 23 -3.29 -4.39 2.91
CA SER A 23 -4.72 -4.58 2.71
C SER A 23 -5.51 -4.22 3.97
N GLY A 24 -6.76 -3.77 3.76
CA GLY A 24 -7.63 -3.39 4.86
C GLY A 24 -7.74 -1.87 5.04
N PRO A 25 -8.58 -1.37 6.00
CA PRO A 25 -8.75 0.08 6.24
C PRO A 25 -7.59 0.66 7.06
N ALA A 26 -6.39 0.62 6.48
CA ALA A 26 -5.18 1.13 7.13
C ALA A 26 -4.30 1.84 6.10
N TYR A 27 -4.08 1.17 4.97
CA TYR A 27 -3.28 1.72 3.87
C TYR A 27 -4.21 2.15 2.72
N CYS A 28 -5.51 1.90 2.89
CA CYS A 28 -6.52 2.25 1.89
C CYS A 28 -7.17 3.60 2.19
N GLY A 29 -7.49 3.82 3.47
CA GLY A 29 -8.12 5.07 3.89
C GLY A 29 -9.58 4.90 4.27
N GLY A 30 -10.47 5.00 3.28
CA GLY A 30 -11.89 4.85 3.52
C GLY A 30 -12.74 5.65 2.55
N ALA A 1 6.30 -8.91 4.52
CA ALA A 1 6.67 -8.09 3.35
C ALA A 1 5.50 -7.20 2.90
N GLY A 2 5.83 -6.02 2.39
CA GLY A 2 4.82 -5.09 1.92
C GLY A 2 5.35 -3.67 1.80
N GLU A 3 6.09 -3.41 0.72
CA GLU A 3 6.67 -2.09 0.46
C GLU A 3 6.35 -1.62 -0.95
N CYS A 4 6.09 -0.32 -1.10
CA CYS A 4 5.78 0.28 -2.39
C CYS A 4 7.03 0.80 -3.09
N VAL A 5 7.01 0.77 -4.42
CA VAL A 5 8.14 1.25 -5.24
C VAL A 5 7.66 2.35 -6.20
N ARG A 6 8.11 3.60 -5.93
CA ARG A 6 7.77 4.79 -6.74
C ARG A 6 6.25 5.04 -6.81
N GLY A 7 5.53 4.56 -5.79
CA GLY A 7 4.07 4.71 -5.74
C GLY A 7 3.31 3.58 -6.41
N ARG A 8 3.95 2.41 -6.55
CA ARG A 8 3.34 1.24 -7.17
C ARG A 8 3.61 -0.02 -6.35
N CYS A 9 2.53 -0.70 -5.94
CA CYS A 9 2.62 -1.92 -5.15
C CYS A 9 1.64 -2.99 -5.67
N PRO A 10 2.14 -4.16 -6.16
CA PRO A 10 1.27 -5.24 -6.67
C PRO A 10 0.69 -6.12 -5.55
N GLY A 11 0.21 -7.31 -5.92
CA GLY A 11 -0.38 -8.24 -4.95
C GLY A 11 -1.89 -8.11 -4.84
N GLY A 12 -2.40 -6.89 -5.08
CA GLY A 12 -3.83 -6.64 -5.00
C GLY A 12 -4.25 -6.07 -3.66
N LEU A 13 -3.46 -5.12 -3.14
CA LEU A 13 -3.73 -4.48 -1.86
C LEU A 13 -3.57 -2.95 -1.96
N CYS A 14 -3.59 -2.25 -0.81
CA CYS A 14 -3.48 -0.79 -0.78
C CYS A 14 -2.04 -0.34 -0.55
N CYS A 15 -1.73 0.88 -1.03
CA CYS A 15 -0.41 1.47 -0.88
C CYS A 15 -0.48 2.82 -0.17
N SER A 16 0.33 2.99 0.87
CA SER A 16 0.39 4.23 1.64
C SER A 16 1.54 5.11 1.15
N LYS A 17 1.27 6.43 1.12
CA LYS A 17 2.24 7.45 0.65
C LYS A 17 3.59 7.40 1.38
N PHE A 18 3.62 6.77 2.56
CA PHE A 18 4.85 6.64 3.35
C PHE A 18 5.77 5.55 2.77
N GLY A 19 5.26 4.82 1.76
CA GLY A 19 6.01 3.77 1.11
C GLY A 19 5.73 2.40 1.70
N PHE A 20 4.45 2.08 1.90
CA PHE A 20 4.05 0.79 2.48
C PHE A 20 2.81 0.21 1.79
N CYS A 21 2.58 -1.09 2.01
CA CYS A 21 1.43 -1.78 1.42
C CYS A 21 0.61 -2.49 2.50
N GLY A 22 -0.69 -2.67 2.24
CA GLY A 22 -1.57 -3.32 3.20
C GLY A 22 -3.00 -3.41 2.72
N SER A 23 -3.73 -4.42 3.22
CA SER A 23 -5.12 -4.64 2.83
C SER A 23 -6.08 -4.18 3.93
N GLY A 24 -7.16 -3.50 3.51
CA GLY A 24 -8.15 -3.01 4.46
C GLY A 24 -8.11 -1.49 4.63
N PRO A 25 -9.00 -0.89 5.49
CA PRO A 25 -9.03 0.56 5.72
C PRO A 25 -7.95 1.02 6.71
N ALA A 26 -6.68 0.88 6.28
CA ALA A 26 -5.52 1.26 7.09
C ALA A 26 -4.46 1.90 6.20
N TYR A 27 -4.15 1.22 5.10
CA TYR A 27 -3.17 1.70 4.12
C TYR A 27 -3.88 2.32 2.92
N CYS A 28 -5.21 2.20 2.91
CA CYS A 28 -6.05 2.73 1.83
C CYS A 28 -6.60 4.11 2.17
N GLY A 29 -7.05 4.28 3.42
CA GLY A 29 -7.60 5.56 3.87
C GLY A 29 -9.09 5.49 4.11
N GLY A 30 -9.84 5.08 3.08
CA GLY A 30 -11.29 4.99 3.17
C GLY A 30 -11.87 3.97 2.21
N ALA A 1 4.93 -9.27 -0.78
CA ALA A 1 4.75 -7.80 -0.92
C ALA A 1 4.63 -7.13 0.44
N GLY A 2 5.18 -5.92 0.55
CA GLY A 2 5.13 -5.18 1.80
C GLY A 2 5.34 -3.69 1.60
N GLU A 3 6.43 -3.33 0.93
CA GLU A 3 6.77 -1.93 0.65
C GLU A 3 6.48 -1.57 -0.81
N CYS A 4 6.19 -0.30 -1.04
CA CYS A 4 5.89 0.20 -2.40
C CYS A 4 7.16 0.68 -3.10
N VAL A 5 7.17 0.54 -4.43
CA VAL A 5 8.32 0.96 -5.25
C VAL A 5 7.89 2.07 -6.23
N ARG A 6 8.41 3.28 -5.99
CA ARG A 6 8.13 4.48 -6.83
C ARG A 6 6.61 4.81 -6.89
N GLY A 7 5.88 4.38 -5.86
CA GLY A 7 4.44 4.62 -5.78
C GLY A 7 3.61 3.52 -6.44
N ARG A 8 4.22 2.33 -6.60
CA ARG A 8 3.53 1.19 -7.22
C ARG A 8 3.76 -0.08 -6.40
N CYS A 9 2.65 -0.71 -5.98
CA CYS A 9 2.70 -1.94 -5.19
C CYS A 9 1.68 -2.97 -5.70
N PRO A 10 2.13 -4.15 -6.22
CA PRO A 10 1.21 -5.19 -6.74
C PRO A 10 0.60 -6.06 -5.61
N GLY A 11 0.08 -7.23 -5.99
CA GLY A 11 -0.54 -8.15 -5.03
C GLY A 11 -2.04 -7.98 -4.93
N GLY A 12 -2.52 -6.75 -5.16
CA GLY A 12 -3.94 -6.47 -5.10
C GLY A 12 -4.35 -5.87 -3.76
N LEU A 13 -3.54 -4.92 -3.26
CA LEU A 13 -3.80 -4.25 -1.98
C LEU A 13 -3.59 -2.74 -2.11
N CYS A 14 -3.62 -2.02 -0.97
CA CYS A 14 -3.48 -0.56 -0.96
C CYS A 14 -2.04 -0.14 -0.66
N CYS A 15 -1.70 1.09 -1.06
CA CYS A 15 -0.36 1.65 -0.85
C CYS A 15 -0.43 3.02 -0.20
N SER A 16 0.30 3.17 0.92
CA SER A 16 0.35 4.43 1.66
C SER A 16 1.48 5.31 1.12
N LYS A 17 1.23 6.64 1.12
CA LYS A 17 2.18 7.66 0.62
C LYS A 17 3.57 7.58 1.25
N PHE A 18 3.65 6.97 2.45
CA PHE A 18 4.94 6.81 3.16
C PHE A 18 5.79 5.69 2.53
N GLY A 19 5.20 4.97 1.56
CA GLY A 19 5.89 3.89 0.88
C GLY A 19 5.62 2.54 1.50
N PHE A 20 4.33 2.24 1.75
CA PHE A 20 3.93 0.97 2.37
C PHE A 20 2.71 0.36 1.66
N CYS A 21 2.52 -0.96 1.87
CA CYS A 21 1.40 -1.69 1.28
C CYS A 21 0.55 -2.34 2.37
N GLY A 22 -0.75 -2.52 2.09
CA GLY A 22 -1.66 -3.13 3.05
C GLY A 22 -3.10 -3.14 2.55
N SER A 23 -3.85 -4.15 3.00
CA SER A 23 -5.25 -4.30 2.62
C SER A 23 -6.17 -4.00 3.81
N GLY A 24 -7.33 -3.40 3.50
CA GLY A 24 -8.30 -3.06 4.53
C GLY A 24 -8.25 -1.58 4.93
N PRO A 25 -9.06 -1.12 5.93
CA PRO A 25 -9.08 0.28 6.37
C PRO A 25 -7.88 0.63 7.28
N ALA A 26 -6.68 0.52 6.69
CA ALA A 26 -5.42 0.81 7.41
C ALA A 26 -4.45 1.51 6.47
N TYR A 27 -4.32 0.97 5.25
CA TYR A 27 -3.46 1.52 4.21
C TYR A 27 -4.28 2.03 3.04
N CYS A 28 -5.61 1.82 3.13
CA CYS A 28 -6.54 2.24 2.08
C CYS A 28 -7.15 3.62 2.39
N GLY A 29 -7.56 3.82 3.65
CA GLY A 29 -8.15 5.08 4.07
C GLY A 29 -7.98 5.34 5.55
N GLY A 30 -7.39 6.50 5.88
CA GLY A 30 -7.16 6.86 7.27
C GLY A 30 -5.92 7.72 7.45
N ALA A 1 4.78 -8.31 -1.62
CA ALA A 1 3.97 -7.39 -0.79
C ALA A 1 4.73 -6.95 0.46
N GLY A 2 4.57 -5.66 0.82
CA GLY A 2 5.24 -5.11 1.98
C GLY A 2 5.53 -3.63 1.84
N GLU A 3 6.28 -3.27 0.80
CA GLU A 3 6.64 -1.87 0.54
C GLU A 3 6.33 -1.50 -0.91
N CYS A 4 5.87 -0.25 -1.10
CA CYS A 4 5.54 0.25 -2.44
C CYS A 4 6.68 1.09 -3.00
N VAL A 5 6.99 0.88 -4.29
CA VAL A 5 8.07 1.60 -4.95
C VAL A 5 7.50 2.46 -6.10
N ARG A 6 7.61 3.80 -5.95
CA ARG A 6 7.12 4.79 -6.94
C ARG A 6 5.63 4.61 -7.29
N GLY A 7 4.88 4.04 -6.34
CA GLY A 7 3.44 3.82 -6.54
C GLY A 7 3.13 2.50 -7.25
N ARG A 8 4.02 1.51 -7.09
CA ARG A 8 3.83 0.20 -7.69
C ARG A 8 4.00 -0.92 -6.66
N CYS A 9 2.90 -1.62 -6.38
CA CYS A 9 2.89 -2.72 -5.41
C CYS A 9 1.90 -3.82 -5.84
N PRO A 10 2.39 -5.06 -6.15
CA PRO A 10 1.51 -6.17 -6.56
C PRO A 10 0.84 -6.88 -5.36
N GLY A 11 0.33 -8.09 -5.59
CA GLY A 11 -0.32 -8.87 -4.55
C GLY A 11 -1.82 -8.64 -4.47
N GLY A 12 -2.23 -7.42 -4.85
CA GLY A 12 -3.65 -7.06 -4.83
C GLY A 12 -4.05 -6.32 -3.56
N LEU A 13 -3.24 -5.33 -3.18
CA LEU A 13 -3.49 -4.53 -1.98
C LEU A 13 -3.30 -3.02 -2.26
N CYS A 14 -3.35 -2.19 -1.21
CA CYS A 14 -3.22 -0.74 -1.37
C CYS A 14 -1.85 -0.23 -0.92
N CYS A 15 -1.56 1.05 -1.21
CA CYS A 15 -0.30 1.67 -0.84
C CYS A 15 -0.50 2.91 0.04
N SER A 16 0.23 2.95 1.15
CA SER A 16 0.17 4.08 2.09
C SER A 16 1.22 5.13 1.72
N LYS A 17 0.83 6.41 1.89
CA LYS A 17 1.69 7.58 1.57
C LYS A 17 3.05 7.55 2.28
N PHE A 18 3.15 6.79 3.37
CA PHE A 18 4.41 6.67 4.14
C PHE A 18 5.40 5.72 3.45
N GLY A 19 4.94 5.08 2.35
CA GLY A 19 5.77 4.16 1.60
C GLY A 19 5.57 2.72 2.04
N PHE A 20 4.31 2.30 2.18
CA PHE A 20 3.99 0.94 2.60
C PHE A 20 2.83 0.34 1.78
N CYS A 21 2.60 -0.96 1.95
CA CYS A 21 1.54 -1.67 1.24
C CYS A 21 0.65 -2.44 2.22
N GLY A 22 -0.66 -2.43 1.95
CA GLY A 22 -1.61 -3.12 2.81
C GLY A 22 -3.04 -3.01 2.31
N SER A 23 -3.85 -4.01 2.61
CA SER A 23 -5.25 -4.04 2.18
C SER A 23 -6.17 -3.64 3.33
N GLY A 24 -7.24 -2.92 2.98
CA GLY A 24 -8.22 -2.45 3.97
C GLY A 24 -7.99 -1.01 4.41
N PRO A 25 -8.83 -0.45 5.35
CA PRO A 25 -8.69 0.93 5.83
C PRO A 25 -7.59 1.08 6.89
N ALA A 26 -6.35 0.83 6.46
CA ALA A 26 -5.17 0.91 7.33
C ALA A 26 -4.00 1.53 6.58
N TYR A 27 -3.74 0.99 5.39
CA TYR A 27 -2.68 1.48 4.52
C TYR A 27 -3.28 2.26 3.33
N CYS A 28 -4.62 2.23 3.24
CA CYS A 28 -5.34 2.91 2.17
C CYS A 28 -6.07 4.14 2.70
N GLY A 29 -6.72 3.99 3.87
CA GLY A 29 -7.47 5.08 4.46
C GLY A 29 -6.70 5.77 5.58
N GLY A 30 -6.84 7.10 5.66
CA GLY A 30 -6.14 7.87 6.68
C GLY A 30 -6.89 9.14 7.04
N ALA A 1 4.93 -8.74 -1.04
CA ALA A 1 4.14 -7.58 -0.55
C ALA A 1 4.73 -7.01 0.73
N GLY A 2 4.60 -5.69 0.90
CA GLY A 2 5.12 -5.03 2.10
C GLY A 2 5.40 -3.56 1.86
N GLU A 3 6.41 -3.28 1.03
CA GLU A 3 6.82 -1.91 0.71
C GLU A 3 6.47 -1.57 -0.74
N CYS A 4 6.17 -0.29 -0.98
CA CYS A 4 5.83 0.19 -2.33
C CYS A 4 7.06 0.68 -3.08
N VAL A 5 7.02 0.56 -4.41
CA VAL A 5 8.13 0.98 -5.27
C VAL A 5 7.66 2.10 -6.22
N ARG A 6 8.19 3.31 -6.01
CA ARG A 6 7.86 4.52 -6.82
C ARG A 6 6.36 4.84 -6.83
N GLY A 7 5.67 4.41 -5.75
CA GLY A 7 4.23 4.65 -5.62
C GLY A 7 3.37 3.56 -6.24
N ARG A 8 3.97 2.39 -6.50
CA ARG A 8 3.26 1.26 -7.09
C ARG A 8 3.56 -0.03 -6.33
N CYS A 9 2.49 -0.70 -5.88
CA CYS A 9 2.62 -1.96 -5.14
C CYS A 9 1.62 -3.02 -5.66
N PRO A 10 2.11 -4.17 -6.20
CA PRO A 10 1.23 -5.23 -6.72
C PRO A 10 0.65 -6.13 -5.61
N GLY A 11 0.18 -7.32 -5.99
CA GLY A 11 -0.41 -8.26 -5.04
C GLY A 11 -1.92 -8.15 -4.93
N GLY A 12 -2.44 -6.93 -5.15
CA GLY A 12 -3.86 -6.69 -5.06
C GLY A 12 -4.29 -6.09 -3.73
N LEU A 13 -3.49 -5.14 -3.24
CA LEU A 13 -3.75 -4.47 -1.96
C LEU A 13 -3.58 -2.94 -2.10
N CYS A 14 -3.61 -2.22 -0.97
CA CYS A 14 -3.49 -0.76 -0.98
C CYS A 14 -2.07 -0.30 -0.68
N CYS A 15 -1.75 0.94 -1.06
CA CYS A 15 -0.43 1.51 -0.83
C CYS A 15 -0.53 2.87 -0.14
N SER A 16 0.22 3.02 0.95
CA SER A 16 0.26 4.26 1.73
C SER A 16 1.35 5.19 1.21
N LYS A 17 1.05 6.50 1.23
CA LYS A 17 1.97 7.56 0.74
C LYS A 17 3.36 7.52 1.38
N PHE A 18 3.47 6.89 2.55
CA PHE A 18 4.75 6.76 3.27
C PHE A 18 5.64 5.67 2.64
N GLY A 19 5.07 4.95 1.66
CA GLY A 19 5.80 3.90 0.98
C GLY A 19 5.55 2.52 1.58
N PHE A 20 4.27 2.20 1.81
CA PHE A 20 3.91 0.90 2.41
C PHE A 20 2.70 0.27 1.70
N CYS A 21 2.54 -1.04 1.89
CA CYS A 21 1.44 -1.80 1.29
C CYS A 21 0.59 -2.46 2.38
N GLY A 22 -0.72 -2.60 2.09
CA GLY A 22 -1.62 -3.22 3.05
C GLY A 22 -3.05 -3.29 2.55
N SER A 23 -3.78 -4.31 3.00
CA SER A 23 -5.17 -4.51 2.59
C SER A 23 -6.13 -4.10 3.70
N GLY A 24 -7.17 -3.35 3.32
CA GLY A 24 -8.17 -2.89 4.28
C GLY A 24 -8.07 -1.40 4.58
N PRO A 25 -8.93 -0.84 5.49
CA PRO A 25 -8.91 0.59 5.84
C PRO A 25 -7.80 0.92 6.85
N ALA A 26 -6.55 0.75 6.42
CA ALA A 26 -5.37 1.02 7.26
C ALA A 26 -4.28 1.67 6.43
N TYR A 27 -3.99 1.07 5.27
CA TYR A 27 -2.99 1.58 4.34
C TYR A 27 -3.67 2.22 3.13
N CYS A 28 -5.01 2.11 3.08
CA CYS A 28 -5.82 2.66 2.00
C CYS A 28 -6.37 4.04 2.37
N GLY A 29 -6.85 4.18 3.61
CA GLY A 29 -7.40 5.45 4.08
C GLY A 29 -8.92 5.43 4.11
N GLY A 30 -9.48 5.85 5.25
CA GLY A 30 -10.93 5.88 5.42
C GLY A 30 -11.49 7.28 5.27
N ALA A 1 2.05 -8.57 1.97
CA ALA A 1 2.29 -7.11 1.94
C ALA A 1 3.73 -6.78 2.31
N GLY A 2 4.26 -5.73 1.70
CA GLY A 2 5.64 -5.30 1.96
C GLY A 2 5.80 -3.80 1.86
N GLU A 3 6.52 -3.37 0.81
CA GLU A 3 6.78 -1.95 0.58
C GLU A 3 6.48 -1.57 -0.87
N CYS A 4 6.13 -0.29 -1.08
CA CYS A 4 5.80 0.23 -2.42
C CYS A 4 7.05 0.73 -3.14
N VAL A 5 7.05 0.61 -4.47
CA VAL A 5 8.18 1.05 -5.29
C VAL A 5 7.75 2.25 -6.17
N ARG A 6 8.25 3.44 -5.80
CA ARG A 6 7.95 4.71 -6.51
C ARG A 6 6.43 5.00 -6.60
N GLY A 7 5.68 4.46 -5.64
CA GLY A 7 4.23 4.66 -5.60
C GLY A 7 3.45 3.57 -6.31
N ARG A 8 4.09 2.40 -6.49
CA ARG A 8 3.45 1.26 -7.16
C ARG A 8 3.69 -0.03 -6.36
N CYS A 9 2.58 -0.69 -5.96
CA CYS A 9 2.64 -1.94 -5.20
C CYS A 9 1.62 -2.95 -5.72
N PRO A 10 2.07 -4.12 -6.27
CA PRO A 10 1.16 -5.15 -6.80
C PRO A 10 0.58 -6.06 -5.70
N GLY A 11 0.07 -7.22 -6.09
CA GLY A 11 -0.51 -8.18 -5.14
C GLY A 11 -2.02 -8.04 -5.03
N GLY A 12 -2.53 -6.82 -5.22
CA GLY A 12 -3.96 -6.56 -5.13
C GLY A 12 -4.37 -5.99 -3.78
N LEU A 13 -3.56 -5.06 -3.26
CA LEU A 13 -3.82 -4.42 -1.97
C LEU A 13 -3.66 -2.88 -2.07
N CYS A 14 -3.64 -2.19 -0.93
CA CYS A 14 -3.52 -0.73 -0.90
C CYS A 14 -2.08 -0.29 -0.63
N CYS A 15 -1.76 0.93 -1.08
CA CYS A 15 -0.43 1.50 -0.91
C CYS A 15 -0.50 2.87 -0.23
N SER A 16 0.28 3.03 0.84
CA SER A 16 0.35 4.28 1.59
C SER A 16 1.47 5.17 1.05
N LYS A 17 1.21 6.48 1.01
CA LYS A 17 2.15 7.50 0.50
C LYS A 17 3.52 7.47 1.19
N PHE A 18 3.58 6.86 2.39
CA PHE A 18 4.83 6.75 3.17
C PHE A 18 5.72 5.63 2.59
N GLY A 19 5.19 4.89 1.61
CA GLY A 19 5.93 3.81 0.98
C GLY A 19 5.65 2.46 1.61
N PHE A 20 4.36 2.15 1.80
CA PHE A 20 3.95 0.87 2.40
C PHE A 20 2.74 0.26 1.70
N CYS A 21 2.54 -1.06 1.91
CA CYS A 21 1.43 -1.78 1.31
C CYS A 21 0.59 -2.47 2.39
N GLY A 22 -0.71 -2.65 2.12
CA GLY A 22 -1.59 -3.29 3.08
C GLY A 22 -3.03 -3.35 2.60
N SER A 23 -3.77 -4.34 3.09
CA SER A 23 -5.18 -4.53 2.72
C SER A 23 -6.11 -4.12 3.87
N GLY A 24 -7.21 -3.47 3.50
CA GLY A 24 -8.20 -3.02 4.48
C GLY A 24 -8.14 -1.52 4.75
N PRO A 25 -8.99 -0.97 5.67
CA PRO A 25 -9.01 0.48 5.99
C PRO A 25 -7.90 0.88 6.96
N ALA A 26 -6.65 0.75 6.48
CA ALA A 26 -5.46 1.09 7.27
C ALA A 26 -4.42 1.77 6.40
N TYR A 27 -4.15 1.15 5.24
CA TYR A 27 -3.19 1.68 4.27
C TYR A 27 -3.95 2.31 3.10
N CYS A 28 -5.28 2.13 3.09
CA CYS A 28 -6.15 2.65 2.04
C CYS A 28 -6.77 3.98 2.46
N GLY A 29 -7.26 4.05 3.70
CA GLY A 29 -7.89 5.25 4.22
C GLY A 29 -9.34 5.03 4.62
N GLY A 30 -9.63 5.22 5.90
CA GLY A 30 -10.97 5.04 6.42
C GLY A 30 -11.00 4.70 7.89
#